data_3CZF
#
_entry.id   3CZF
#
_cell.length_a   50.946
_cell.length_b   81.933
_cell.length_c   65.397
_cell.angle_alpha   90.00
_cell.angle_beta   108.91
_cell.angle_gamma   90.00
#
_symmetry.space_group_name_H-M   'P 1 21 1'
#
loop_
_entity.id
_entity.type
_entity.pdbx_description
1 polymer 'HLA CLASS I HISTOCOMPATIBILITY ANTIGEN'
2 polymer BETA-2-MICROGLOBULIN
3 polymer 'GLUCAGON RECEPTOR PEPTIDE'
4 non-polymer GLYCEROL
5 water water
#
loop_
_entity_poly.entity_id
_entity_poly.type
_entity_poly.pdbx_seq_one_letter_code
_entity_poly.pdbx_strand_id
1 'polypeptide(L)'
;GSHSMRYFHTSVSRPGRGEPRFITVGYVDDTLFVRFDSDAASPREEPRAPWIEQEGPEYWDRETQICKAKAQTDREDLRT
LLRYYNQSEAGSHTLQNMYGCDVGPDGRLLRGYHQHAYDGKDYIALNEDLSSWTAADTAAQITQRKWEAARVAEQLRAYL
EGECVEWLRRYLENGKETLQRADPPKTHVTHHPISDHEATLRCWALGFYPAEITLTWQRDGEDQTQDTELVETRPAGDRT
FQKWAAVVVPSGEEQRYTCHVQHEGLPKPLTLRWEP
;
A
2 'polypeptide(L)'
;MIQRTPKIQVYSRHPAENGKSNFLNCYVSGFHPSDIEVDLLKNGERIEKVEHSDLSFSKDWSFYLLYYTEFTPTEKDEYA
CRVNHVTLSQPKIVKWDRDM
;
B
3 'polypeptide(L)' RRRWHRWRL C
#
# COMPACT_ATOMS: atom_id res chain seq x y z
N GLY A 1 -18.62 -9.74 2.43
CA GLY A 1 -18.88 -8.86 3.59
C GLY A 1 -18.87 -7.40 3.17
N SER A 2 -18.14 -6.60 3.92
CA SER A 2 -18.01 -5.17 3.61
CA SER A 2 -18.00 -5.17 3.63
C SER A 2 -16.88 -4.97 2.61
N HIS A 3 -16.90 -3.85 1.91
CA HIS A 3 -15.91 -3.59 0.86
C HIS A 3 -15.54 -2.12 0.83
N SER A 4 -14.45 -1.82 0.15
CA SER A 4 -13.97 -0.45 0.03
C SER A 4 -13.48 -0.18 -1.38
N MET A 5 -13.52 1.10 -1.75
CA MET A 5 -12.86 1.58 -2.95
C MET A 5 -12.04 2.80 -2.56
N ARG A 6 -10.83 2.88 -3.10
CA ARG A 6 -9.93 3.98 -2.81
C ARG A 6 -9.19 4.42 -4.04
N TYR A 7 -9.06 5.73 -4.19
CA TYR A 7 -8.16 6.35 -5.17
C TYR A 7 -7.08 7.09 -4.38
N PHE A 8 -5.83 6.73 -4.66
CA PHE A 8 -4.64 7.30 -4.05
C PHE A 8 -3.91 8.13 -5.08
N HIS A 9 -3.37 9.29 -4.66
CA HIS A 9 -2.69 10.19 -5.57
C HIS A 9 -1.47 10.76 -4.85
N THR A 10 -0.35 10.81 -5.56
CA THR A 10 0.87 11.42 -5.04
C THR A 10 1.51 12.26 -6.14
N SER A 11 1.78 13.53 -5.81
CA SER A 11 2.61 14.39 -6.65
CA SER A 11 2.57 14.41 -6.64
C SER A 11 3.85 14.78 -5.87
N VAL A 12 5.00 14.70 -6.55
CA VAL A 12 6.28 15.01 -5.95
C VAL A 12 6.98 16.03 -6.82
N SER A 13 7.23 17.23 -6.30
CA SER A 13 7.94 18.24 -7.07
C SER A 13 9.42 17.90 -7.20
N ARG A 14 10.03 18.46 -8.21
CA ARG A 14 11.44 18.20 -8.52
C ARG A 14 11.99 19.44 -9.21
N PRO A 15 12.20 20.52 -8.43
CA PRO A 15 12.64 21.77 -9.03
C PRO A 15 13.91 21.61 -9.87
N GLY A 16 13.87 22.21 -11.05
CA GLY A 16 14.96 22.11 -11.99
C GLY A 16 14.95 20.87 -12.84
N ARG A 17 13.99 19.98 -12.59
CA ARG A 17 13.86 18.69 -13.26
C ARG A 17 12.45 18.51 -13.81
N GLY A 18 11.89 19.59 -14.31
CA GLY A 18 10.59 19.59 -14.95
C GLY A 18 9.46 19.64 -13.96
N GLU A 19 8.29 19.25 -14.42
CA GLU A 19 7.11 19.36 -13.58
CA GLU A 19 7.09 19.34 -13.62
C GLU A 19 7.02 18.15 -12.66
N PRO A 20 6.19 18.26 -11.62
CA PRO A 20 6.12 17.18 -10.65
C PRO A 20 5.77 15.84 -11.25
N ARG A 21 6.21 14.77 -10.65
CA ARG A 21 5.74 13.46 -11.03
C ARG A 21 4.44 13.16 -10.30
N PHE A 22 3.44 12.69 -11.05
CA PHE A 22 2.12 12.37 -10.53
C PHE A 22 1.82 10.89 -10.78
N ILE A 23 1.49 10.17 -9.71
CA ILE A 23 1.13 8.75 -9.75
C ILE A 23 -0.17 8.56 -9.00
N THR A 24 -1.14 7.93 -9.65
CA THR A 24 -2.37 7.58 -8.99
C THR A 24 -2.75 6.13 -9.27
N VAL A 25 -3.28 5.47 -8.24
CA VAL A 25 -3.75 4.11 -8.33
C VAL A 25 -5.11 4.01 -7.67
N GLY A 26 -5.90 3.06 -8.16
CA GLY A 26 -7.18 2.73 -7.57
C GLY A 26 -7.20 1.30 -7.09
N TYR A 27 -7.85 1.09 -5.95
CA TYR A 27 -8.04 -0.22 -5.34
C TYR A 27 -9.51 -0.46 -5.03
N VAL A 28 -9.92 -1.73 -5.16
CA VAL A 28 -11.12 -2.24 -4.50
C VAL A 28 -10.62 -3.24 -3.47
N ASP A 29 -10.93 -3.03 -2.21
CA ASP A 29 -10.40 -3.86 -1.13
C ASP A 29 -8.88 -3.87 -1.28
N ASP A 30 -8.24 -5.03 -1.30
CA ASP A 30 -6.78 -5.10 -1.44
C ASP A 30 -6.34 -5.45 -2.86
N THR A 31 -7.18 -5.14 -3.83
CA THR A 31 -6.91 -5.38 -5.24
C THR A 31 -6.72 -4.09 -6.02
N LEU A 32 -5.52 -3.93 -6.58
CA LEU A 32 -5.22 -2.84 -7.49
C LEU A 32 -6.02 -3.04 -8.77
N PHE A 33 -6.66 -1.99 -9.29
CA PHE A 33 -7.39 -2.15 -10.54
C PHE A 33 -7.12 -1.13 -11.61
N VAL A 34 -6.59 0.05 -11.26
CA VAL A 34 -6.22 1.04 -12.26
C VAL A 34 -4.96 1.77 -11.81
N ARG A 35 -4.21 2.29 -12.77
CA ARG A 35 -3.02 3.09 -12.51
C ARG A 35 -2.82 4.17 -13.57
N PHE A 36 -2.15 5.26 -13.18
CA PHE A 36 -1.74 6.31 -14.10
C PHE A 36 -0.44 6.89 -13.58
N ASP A 37 0.54 7.02 -14.46
CA ASP A 37 1.83 7.63 -14.14
C ASP A 37 2.10 8.71 -15.17
N SER A 38 2.24 9.96 -14.72
CA SER A 38 2.46 11.07 -15.65
C SER A 38 3.74 10.97 -16.46
N ASP A 39 4.71 10.21 -15.98
CA ASP A 39 5.98 10.14 -16.69
C ASP A 39 5.94 9.08 -17.81
N ALA A 40 4.85 8.31 -17.93
CA ALA A 40 4.72 7.36 -19.05
C ALA A 40 4.58 8.14 -20.36
N ALA A 41 5.08 7.62 -21.47
CA ALA A 41 4.93 8.30 -22.76
C ALA A 41 3.45 8.28 -23.13
N SER A 42 2.89 9.45 -23.52
CA SER A 42 1.45 9.64 -23.72
CA SER A 42 1.45 9.58 -23.77
C SER A 42 0.64 8.83 -22.71
N PRO A 43 0.62 9.33 -21.46
CA PRO A 43 0.06 8.56 -20.36
C PRO A 43 -1.43 8.38 -20.48
N ARG A 44 -1.88 7.20 -20.10
CA ARG A 44 -3.28 6.85 -20.04
C ARG A 44 -3.51 6.15 -18.72
N GLU A 45 -4.72 6.23 -18.17
CA GLU A 45 -5.03 5.28 -17.11
C GLU A 45 -5.14 3.89 -17.70
N GLU A 46 -4.53 2.93 -17.03
CA GLU A 46 -4.43 1.55 -17.53
C GLU A 46 -5.09 0.61 -16.55
N PRO A 47 -5.71 -0.46 -17.08
CA PRO A 47 -6.27 -1.51 -16.22
C PRO A 47 -5.19 -2.33 -15.56
N ARG A 48 -5.49 -2.81 -14.36
CA ARG A 48 -4.64 -3.72 -13.62
C ARG A 48 -5.39 -4.91 -13.02
N ALA A 49 -6.67 -5.07 -13.36
CA ALA A 49 -7.43 -6.25 -12.95
C ALA A 49 -8.31 -6.65 -14.13
N PRO A 50 -8.57 -7.96 -14.30
CA PRO A 50 -9.32 -8.40 -15.48
C PRO A 50 -10.74 -7.84 -15.56
N TRP A 51 -11.38 -7.66 -14.42
CA TRP A 51 -12.78 -7.29 -14.38
C TRP A 51 -13.03 -5.82 -14.74
N ILE A 52 -11.99 -4.99 -14.82
CA ILE A 52 -12.17 -3.61 -15.27
C ILE A 52 -11.93 -3.48 -16.78
N GLU A 53 -11.35 -4.50 -17.40
CA GLU A 53 -10.96 -4.41 -18.82
C GLU A 53 -12.15 -4.22 -19.72
N GLN A 54 -13.30 -4.71 -19.29
CA GLN A 54 -14.54 -4.61 -20.06
C GLN A 54 -15.13 -3.20 -20.14
N GLU A 55 -14.65 -2.26 -19.32
CA GLU A 55 -15.17 -0.92 -19.44
C GLU A 55 -14.74 -0.40 -20.82
N GLY A 56 -15.62 0.36 -21.43
CA GLY A 56 -15.41 0.81 -22.82
C GLY A 56 -14.46 1.99 -22.96
N PRO A 57 -14.19 2.38 -24.21
CA PRO A 57 -13.25 3.46 -24.45
C PRO A 57 -13.63 4.78 -23.80
N GLU A 58 -14.92 5.07 -23.67
CA GLU A 58 -15.33 6.32 -23.05
CA GLU A 58 -15.36 6.32 -23.05
C GLU A 58 -14.94 6.37 -21.57
N TYR A 59 -14.95 5.21 -20.91
CA TYR A 59 -14.52 5.09 -19.53
C TYR A 59 -13.04 5.48 -19.43
N TRP A 60 -12.21 4.86 -20.26
CA TRP A 60 -10.77 5.09 -20.21
C TRP A 60 -10.44 6.53 -20.58
N ASP A 61 -11.15 7.09 -21.55
CA ASP A 61 -10.92 8.47 -21.94
C ASP A 61 -11.23 9.43 -20.80
N ARG A 62 -12.36 9.25 -20.14
CA ARG A 62 -12.74 10.10 -19.02
C ARG A 62 -11.75 9.96 -17.86
N GLU A 63 -11.41 8.72 -17.52
CA GLU A 63 -10.48 8.48 -16.43
C GLU A 63 -9.15 9.15 -16.73
N THR A 64 -8.67 9.01 -17.96
CA THR A 64 -7.39 9.59 -18.33
C THR A 64 -7.42 11.10 -18.23
N GLN A 65 -8.49 11.72 -18.69
CA GLN A 65 -8.55 13.17 -18.60
C GLN A 65 -8.63 13.64 -17.15
N ILE A 66 -9.37 12.93 -16.31
CA ILE A 66 -9.41 13.26 -14.89
C ILE A 66 -8.03 13.20 -14.28
N CYS A 67 -7.28 12.15 -14.62
CA CYS A 67 -5.93 12.00 -14.10
C CYS A 67 -5.01 13.13 -14.55
N LYS A 68 -5.06 13.50 -15.83
CA LYS A 68 -4.25 14.60 -16.34
C LYS A 68 -4.64 15.90 -15.66
N ALA A 69 -5.93 16.13 -15.48
CA ALA A 69 -6.39 17.34 -14.80
C ALA A 69 -5.87 17.38 -13.38
N LYS A 70 -5.90 16.24 -12.68
CA LYS A 70 -5.43 16.17 -11.30
CA LYS A 70 -5.43 16.19 -11.30
C LYS A 70 -3.92 16.44 -11.22
N ALA A 71 -3.16 15.89 -12.17
CA ALA A 71 -1.73 16.18 -12.20
C ALA A 71 -1.52 17.69 -12.27
N GLN A 72 -2.26 18.33 -13.14
CA GLN A 72 -2.13 19.77 -13.36
C GLN A 72 -2.59 20.58 -12.13
N THR A 73 -3.70 20.21 -11.52
CA THR A 73 -4.10 20.98 -10.34
CA THR A 73 -4.20 20.81 -10.28
C THR A 73 -3.15 20.71 -9.18
N ASP A 74 -2.59 19.50 -9.05
CA ASP A 74 -1.58 19.27 -8.02
C ASP A 74 -0.35 20.16 -8.22
N ARG A 75 0.04 20.39 -9.46
CA ARG A 75 1.17 21.27 -9.75
CA ARG A 75 1.19 21.24 -9.72
C ARG A 75 0.93 22.66 -9.18
N GLU A 76 -0.26 23.18 -9.45
CA GLU A 76 -0.65 24.49 -8.95
CA GLU A 76 -0.65 24.50 -8.94
C GLU A 76 -0.73 24.48 -7.43
N ASP A 77 -1.31 23.43 -6.87
CA ASP A 77 -1.44 23.33 -5.42
C ASP A 77 -0.08 23.25 -4.72
N LEU A 78 0.90 22.56 -5.32
CA LEU A 78 2.25 22.52 -4.76
C LEU A 78 2.84 23.93 -4.73
N ARG A 79 2.60 24.74 -5.76
CA ARG A 79 3.07 26.12 -5.73
CA ARG A 79 3.06 26.13 -5.76
C ARG A 79 2.39 26.92 -4.64
N THR A 80 1.08 26.74 -4.48
CA THR A 80 0.34 27.40 -3.42
C THR A 80 0.89 27.06 -2.05
N LEU A 81 1.19 25.80 -1.82
CA LEU A 81 1.66 25.36 -0.51
C LEU A 81 3.00 25.96 -0.16
N LEU A 82 3.87 26.21 -1.16
CA LEU A 82 5.10 26.95 -0.86
C LEU A 82 4.79 28.31 -0.28
N ARG A 83 3.78 29.00 -0.81
CA ARG A 83 3.39 30.29 -0.25
C ARG A 83 2.85 30.12 1.16
N TYR A 84 1.93 29.16 1.34
CA TYR A 84 1.26 29.00 2.64
C TYR A 84 2.23 28.69 3.76
N TYR A 85 3.31 28.00 3.45
CA TYR A 85 4.32 27.57 4.44
C TYR A 85 5.61 28.40 4.35
N ASN A 86 5.60 29.47 3.55
CA ASN A 86 6.75 30.35 3.43
C ASN A 86 8.01 29.57 3.09
N GLN A 87 7.91 28.67 2.11
CA GLN A 87 9.01 27.80 1.71
C GLN A 87 9.66 28.27 0.42
N SER A 88 10.94 27.91 0.28
CA SER A 88 11.64 28.25 -0.94
CA SER A 88 11.76 28.13 -0.90
C SER A 88 11.28 27.33 -2.11
N GLU A 89 11.62 27.78 -3.31
CA GLU A 89 11.34 27.03 -4.53
CA GLU A 89 11.30 27.02 -4.51
C GLU A 89 12.39 25.96 -4.77
N ALA A 90 13.33 25.80 -3.84
CA ALA A 90 14.46 24.90 -4.09
C ALA A 90 14.24 23.41 -3.82
N GLY A 91 13.34 23.08 -2.91
CA GLY A 91 13.21 21.70 -2.42
C GLY A 91 12.11 20.89 -3.08
N SER A 92 12.22 19.58 -2.96
CA SER A 92 11.14 18.69 -3.37
CA SER A 92 11.14 18.67 -3.37
CA SER A 92 11.15 18.65 -3.37
C SER A 92 10.11 18.55 -2.26
N HIS A 93 8.84 18.61 -2.62
CA HIS A 93 7.73 18.47 -1.69
C HIS A 93 6.73 17.48 -2.23
N THR A 94 5.86 17.00 -1.34
CA THR A 94 4.94 15.91 -1.66
C THR A 94 3.52 16.32 -1.33
N LEU A 95 2.59 16.06 -2.23
CA LEU A 95 1.17 16.27 -1.99
C LEU A 95 0.44 14.97 -2.26
N GLN A 96 -0.28 14.49 -1.27
CA GLN A 96 -1.03 13.26 -1.34
C GLN A 96 -2.52 13.53 -1.13
N ASN A 97 -3.34 12.75 -1.84
CA ASN A 97 -4.79 12.78 -1.69
C ASN A 97 -5.32 11.35 -1.77
N MET A 98 -6.22 11.01 -0.85
CA MET A 98 -7.00 9.80 -0.92
C MET A 98 -8.46 10.17 -0.88
N TYR A 99 -9.27 9.48 -1.66
CA TYR A 99 -10.72 9.55 -1.50
C TYR A 99 -11.33 8.21 -1.84
N GLY A 100 -12.55 8.00 -1.38
CA GLY A 100 -13.27 6.76 -1.67
C GLY A 100 -14.30 6.47 -0.63
N CYS A 101 -14.78 5.23 -0.62
CA CYS A 101 -15.92 4.86 0.17
C CYS A 101 -15.80 3.45 0.67
N ASP A 102 -16.49 3.19 1.78
CA ASP A 102 -16.68 1.87 2.36
C ASP A 102 -18.17 1.56 2.28
N VAL A 103 -18.51 0.32 1.94
CA VAL A 103 -19.87 -0.15 1.96
C VAL A 103 -20.00 -1.39 2.78
N GLY A 104 -21.20 -1.56 3.34
CA GLY A 104 -21.53 -2.78 4.10
C GLY A 104 -21.91 -3.95 3.23
N PRO A 105 -22.22 -5.11 3.86
CA PRO A 105 -22.59 -6.35 3.17
C PRO A 105 -23.73 -6.17 2.18
N ASP A 106 -24.67 -5.30 2.53
CA ASP A 106 -25.83 -5.01 1.69
CA ASP A 106 -25.84 -5.02 1.70
C ASP A 106 -25.60 -3.89 0.69
N GLY A 107 -24.38 -3.33 0.68
CA GLY A 107 -24.03 -2.33 -0.32
C GLY A 107 -24.27 -0.88 0.04
N ARG A 108 -24.75 -0.58 1.24
CA ARG A 108 -24.98 0.82 1.58
CA ARG A 108 -24.99 0.80 1.67
C ARG A 108 -23.70 1.51 2.07
N LEU A 109 -23.62 2.81 1.84
CA LEU A 109 -22.50 3.60 2.36
C LEU A 109 -22.32 3.43 3.86
N LEU A 110 -21.10 3.05 4.25
CA LEU A 110 -20.67 2.99 5.64
C LEU A 110 -19.89 4.25 6.01
N ARG A 111 -18.98 4.69 5.14
CA ARG A 111 -18.14 5.85 5.39
CA ARG A 111 -18.21 5.91 5.38
C ARG A 111 -17.60 6.36 4.07
N GLY A 112 -17.51 7.67 3.88
CA GLY A 112 -16.77 8.25 2.77
C GLY A 112 -15.55 9.00 3.25
N TYR A 113 -14.61 9.20 2.34
CA TYR A 113 -13.32 9.83 2.65
C TYR A 113 -12.90 10.78 1.55
N HIS A 114 -12.25 11.87 1.96
CA HIS A 114 -11.53 12.74 1.03
C HIS A 114 -10.53 13.53 1.87
N GLN A 115 -9.24 13.24 1.71
CA GLN A 115 -8.26 13.84 2.61
C GLN A 115 -6.93 14.01 1.89
N HIS A 116 -6.16 14.97 2.40
CA HIS A 116 -4.90 15.40 1.82
C HIS A 116 -3.81 15.45 2.89
N ALA A 117 -2.58 15.25 2.44
CA ALA A 117 -1.37 15.41 3.24
C ALA A 117 -0.33 16.16 2.44
N TYR A 118 0.44 17.00 3.13
CA TYR A 118 1.57 17.71 2.55
C TYR A 118 2.82 17.31 3.30
N ASP A 119 3.84 16.90 2.54
CA ASP A 119 5.10 16.47 3.12
C ASP A 119 4.89 15.42 4.23
N GLY A 120 3.95 14.52 3.96
CA GLY A 120 3.75 13.36 4.81
C GLY A 120 2.93 13.59 6.06
N LYS A 121 2.36 14.79 6.21
CA LYS A 121 1.58 15.17 7.37
C LYS A 121 0.18 15.57 6.97
N ASP A 122 -0.81 15.27 7.81
CA ASP A 122 -2.17 15.70 7.57
C ASP A 122 -2.22 17.16 7.18
N TYR A 123 -3.03 17.47 6.19
CA TYR A 123 -3.27 18.84 5.74
C TYR A 123 -4.75 19.18 5.96
N ILE A 124 -5.67 18.61 5.18
CA ILE A 124 -7.08 18.84 5.38
C ILE A 124 -7.82 17.53 5.09
N ALA A 125 -8.89 17.28 5.86
CA ALA A 125 -9.69 16.09 5.70
C ALA A 125 -11.14 16.44 5.79
N LEU A 126 -11.93 15.84 4.90
CA LEU A 126 -13.38 15.86 5.02
C LEU A 126 -13.76 14.99 6.21
N ASN A 127 -14.58 15.53 7.11
CA ASN A 127 -15.01 14.75 8.26
C ASN A 127 -16.00 13.67 7.86
N GLU A 128 -16.27 12.75 8.78
CA GLU A 128 -17.17 11.63 8.51
C GLU A 128 -18.57 12.07 8.14
N ASP A 129 -18.97 13.25 8.60
CA ASP A 129 -20.26 13.82 8.24
C ASP A 129 -20.39 14.16 6.76
N LEU A 130 -19.27 14.20 6.05
CA LEU A 130 -19.24 14.60 4.64
C LEU A 130 -19.78 16.01 4.45
N SER A 131 -19.61 16.85 5.48
CA SER A 131 -20.16 18.19 5.42
CA SER A 131 -20.19 18.19 5.51
C SER A 131 -19.26 19.24 6.04
N SER A 132 -18.29 18.87 6.85
CA SER A 132 -17.37 19.79 7.47
C SER A 132 -15.93 19.27 7.32
N TRP A 133 -14.98 20.12 7.67
CA TRP A 133 -13.57 19.87 7.43
C TRP A 133 -12.77 19.90 8.72
N THR A 134 -11.68 19.12 8.76
CA THR A 134 -10.63 19.26 9.76
C THR A 134 -9.35 19.72 9.07
N ALA A 135 -8.93 20.93 9.41
CA ALA A 135 -7.68 21.52 8.93
C ALA A 135 -6.62 21.30 9.99
N ALA A 136 -5.43 20.86 9.59
CA ALA A 136 -4.38 20.51 10.54
C ALA A 136 -3.66 21.71 11.12
N ASP A 137 -3.68 22.85 10.43
CA ASP A 137 -2.87 24.00 10.81
C ASP A 137 -3.46 25.25 10.16
N THR A 138 -2.84 26.40 10.39
CA THR A 138 -3.39 27.65 9.92
C THR A 138 -3.30 27.78 8.38
N ALA A 139 -2.37 27.07 7.74
CA ALA A 139 -2.31 27.03 6.27
C ALA A 139 -3.53 26.30 5.72
N ALA A 140 -3.80 25.11 6.25
CA ALA A 140 -4.96 24.35 5.81
C ALA A 140 -6.26 25.08 6.11
N GLN A 141 -6.29 25.93 7.14
CA GLN A 141 -7.47 26.76 7.37
C GLN A 141 -7.76 27.72 6.22
N ILE A 142 -6.73 28.15 5.49
CA ILE A 142 -6.93 28.99 4.32
C ILE A 142 -7.69 28.22 3.25
N THR A 143 -7.26 26.99 3.01
CA THR A 143 -8.01 26.10 2.12
C THR A 143 -9.42 25.87 2.62
N GLN A 144 -9.57 25.59 3.91
CA GLN A 144 -10.88 25.34 4.46
C GLN A 144 -11.81 26.51 4.19
N ARG A 145 -11.36 27.73 4.41
CA ARG A 145 -12.19 28.89 4.15
C ARG A 145 -12.62 28.95 2.70
N LYS A 146 -11.71 28.68 1.77
CA LYS A 146 -12.07 28.69 0.36
C LYS A 146 -13.08 27.60 0.04
N TRP A 147 -12.89 26.42 0.62
CA TRP A 147 -13.75 25.29 0.29
C TRP A 147 -15.10 25.38 0.98
N GLU A 148 -15.17 26.05 2.11
CA GLU A 148 -16.47 26.38 2.72
C GLU A 148 -17.21 27.39 1.83
N ALA A 149 -16.52 28.41 1.34
CA ALA A 149 -17.15 29.43 0.50
C ALA A 149 -17.70 28.79 -0.78
N ALA A 150 -16.97 27.82 -1.34
CA ALA A 150 -17.35 27.20 -2.60
C ALA A 150 -18.27 26.00 -2.42
N ARG A 151 -18.67 25.66 -1.19
CA ARG A 151 -19.55 24.52 -0.93
C ARG A 151 -18.99 23.22 -1.54
N VAL A 152 -17.70 23.01 -1.35
CA VAL A 152 -17.05 21.80 -1.85
C VAL A 152 -17.58 20.54 -1.18
N ALA A 153 -17.77 20.57 0.14
CA ALA A 153 -18.16 19.36 0.84
C ALA A 153 -19.44 18.75 0.27
N GLU A 154 -20.42 19.58 -0.06
CA GLU A 154 -21.70 19.08 -0.58
CA GLU A 154 -21.70 19.12 -0.56
C GLU A 154 -21.50 18.35 -1.88
N GLN A 155 -20.56 18.80 -2.70
CA GLN A 155 -20.26 18.16 -4.00
CA GLN A 155 -20.35 18.16 -3.97
C GLN A 155 -19.58 16.84 -3.79
N LEU A 156 -18.63 16.80 -2.86
CA LEU A 156 -17.97 15.57 -2.53
C LEU A 156 -18.95 14.56 -1.93
N ARG A 157 -19.81 15.03 -1.03
CA ARG A 157 -20.83 14.16 -0.44
C ARG A 157 -21.68 13.49 -1.52
N ALA A 158 -22.09 14.27 -2.50
CA ALA A 158 -22.95 13.75 -3.55
C ALA A 158 -22.26 12.61 -4.30
N TYR A 159 -20.97 12.77 -4.59
CA TYR A 159 -20.19 11.72 -5.24
C TYR A 159 -20.03 10.49 -4.32
N LEU A 160 -19.62 10.73 -3.08
CA LEU A 160 -19.29 9.63 -2.17
C LEU A 160 -20.49 8.75 -1.83
N GLU A 161 -21.66 9.38 -1.67
CA GLU A 161 -22.93 8.70 -1.37
CA GLU A 161 -22.85 8.61 -1.35
C GLU A 161 -23.55 8.05 -2.58
N GLY A 162 -23.21 8.55 -3.76
CA GLY A 162 -23.87 8.18 -5.02
C GLY A 162 -22.93 7.35 -5.87
N GLU A 163 -22.24 7.99 -6.80
CA GLU A 163 -21.35 7.30 -7.73
C GLU A 163 -20.34 6.39 -7.08
N CYS A 164 -19.72 6.83 -5.99
CA CYS A 164 -18.67 6.00 -5.43
C CYS A 164 -19.24 4.63 -5.07
N VAL A 165 -20.37 4.63 -4.36
CA VAL A 165 -21.00 3.40 -3.92
CA VAL A 165 -20.97 3.38 -3.91
C VAL A 165 -21.54 2.61 -5.10
N GLU A 166 -22.14 3.28 -6.07
CA GLU A 166 -22.74 2.64 -7.26
CA GLU A 166 -22.74 2.55 -7.17
C GLU A 166 -21.68 1.92 -8.09
N TRP A 167 -20.58 2.63 -8.35
CA TRP A 167 -19.51 2.04 -9.14
C TRP A 167 -18.80 0.93 -8.37
N LEU A 168 -18.59 1.10 -7.07
CA LEU A 168 -18.05 -0.01 -6.28
C LEU A 168 -18.92 -1.24 -6.40
N ARG A 169 -20.24 -1.08 -6.31
CA ARG A 169 -21.18 -2.21 -6.46
CA ARG A 169 -21.09 -2.26 -6.42
C ARG A 169 -21.00 -2.89 -7.83
N ARG A 170 -20.89 -2.09 -8.86
CA ARG A 170 -20.67 -2.59 -10.21
CA ARG A 170 -20.67 -2.61 -10.21
C ARG A 170 -19.37 -3.42 -10.28
N TYR A 171 -18.30 -2.87 -9.75
CA TYR A 171 -17.01 -3.56 -9.77
C TYR A 171 -17.08 -4.88 -9.00
N LEU A 172 -17.75 -4.89 -7.87
CA LEU A 172 -17.88 -6.09 -7.06
C LEU A 172 -18.62 -7.18 -7.82
N GLU A 173 -19.64 -6.82 -8.59
CA GLU A 173 -20.35 -7.79 -9.42
C GLU A 173 -19.48 -8.26 -10.57
N ASN A 174 -18.87 -7.33 -11.29
CA ASN A 174 -18.06 -7.71 -12.44
C ASN A 174 -16.84 -8.56 -12.02
N GLY A 175 -16.32 -8.27 -10.84
CA GLY A 175 -15.20 -8.96 -10.24
C GLY A 175 -15.57 -10.02 -9.23
N LYS A 176 -16.80 -10.55 -9.29
CA LYS A 176 -17.26 -11.43 -8.24
C LYS A 176 -16.44 -12.71 -8.09
N GLU A 177 -15.74 -13.15 -9.13
CA GLU A 177 -14.90 -14.33 -9.01
C GLU A 177 -13.81 -14.18 -7.96
N THR A 178 -13.23 -12.97 -7.88
CA THR A 178 -12.03 -12.68 -7.10
C THR A 178 -12.32 -11.74 -5.94
N LEU A 179 -13.01 -10.65 -6.22
CA LEU A 179 -13.27 -9.67 -5.16
C LEU A 179 -14.14 -10.23 -4.06
N GLN A 180 -14.99 -11.21 -4.40
CA GLN A 180 -15.87 -11.86 -3.44
C GLN A 180 -15.39 -13.25 -3.06
N ARG A 181 -14.08 -13.49 -3.16
CA ARG A 181 -13.49 -14.74 -2.72
C ARG A 181 -12.38 -14.42 -1.71
N ALA A 182 -12.48 -15.00 -0.52
CA ALA A 182 -11.38 -14.97 0.46
C ALA A 182 -10.57 -16.25 0.26
N ASP A 183 -9.26 -16.12 0.18
CA ASP A 183 -8.35 -17.25 0.12
C ASP A 183 -7.75 -17.38 1.51
N PRO A 184 -8.01 -18.52 2.18
CA PRO A 184 -7.49 -18.67 3.53
C PRO A 184 -5.99 -18.86 3.52
N PRO A 185 -5.33 -18.57 4.64
CA PRO A 185 -3.90 -18.84 4.67
C PRO A 185 -3.59 -20.32 4.70
N LYS A 186 -2.54 -20.68 3.99
CA LYS A 186 -1.87 -21.95 4.18
C LYS A 186 -0.87 -21.77 5.31
N THR A 187 -0.95 -22.64 6.31
CA THR A 187 -0.24 -22.43 7.56
C THR A 187 0.64 -23.60 7.89
N HIS A 188 1.81 -23.30 8.45
CA HIS A 188 2.68 -24.34 8.99
C HIS A 188 3.65 -23.72 9.95
N VAL A 189 4.29 -24.57 10.76
CA VAL A 189 5.30 -24.14 11.72
C VAL A 189 6.62 -24.78 11.34
N THR A 190 7.67 -23.98 11.31
CA THR A 190 9.02 -24.44 11.04
C THR A 190 9.89 -24.22 12.28
N HIS A 191 10.99 -24.94 12.34
CA HIS A 191 11.87 -24.99 13.50
C HIS A 191 13.29 -24.70 13.03
N HIS A 192 13.91 -23.71 13.65
CA HIS A 192 15.21 -23.16 13.18
C HIS A 192 16.19 -23.14 14.33
N PRO A 193 17.03 -24.18 14.45
CA PRO A 193 18.01 -24.26 15.52
C PRO A 193 18.87 -22.99 15.61
N ILE A 194 19.03 -22.50 16.83
CA ILE A 194 19.95 -21.42 17.11
C ILE A 194 21.24 -22.02 17.68
N SER A 195 21.10 -22.99 18.56
CA SER A 195 22.21 -23.69 19.20
C SER A 195 21.61 -25.00 19.72
N ASP A 196 22.38 -25.79 20.46
CA ASP A 196 21.81 -26.98 21.09
C ASP A 196 20.81 -26.64 22.20
N HIS A 197 20.76 -25.36 22.60
CA HIS A 197 19.94 -24.90 23.72
C HIS A 197 18.60 -24.30 23.37
N GLU A 198 18.41 -23.87 22.13
CA GLU A 198 17.19 -23.16 21.76
C GLU A 198 17.07 -23.07 20.25
N ALA A 199 15.84 -22.82 19.81
CA ALA A 199 15.50 -22.74 18.39
C ALA A 199 14.38 -21.74 18.22
N THR A 200 14.25 -21.21 17.02
CA THR A 200 13.11 -20.38 16.68
C THR A 200 12.00 -21.25 16.12
N LEU A 201 10.77 -21.06 16.63
CA LEU A 201 9.58 -21.60 15.97
C LEU A 201 8.98 -20.45 15.16
N ARG A 202 8.75 -20.68 13.89
CA ARG A 202 8.18 -19.68 13.01
C ARG A 202 6.87 -20.20 12.45
N CYS A 203 5.78 -19.46 12.71
CA CYS A 203 4.45 -19.77 12.23
C CYS A 203 4.15 -18.94 10.99
N TRP A 204 3.89 -19.65 9.90
CA TRP A 204 3.69 -19.05 8.58
C TRP A 204 2.24 -19.02 8.18
N ALA A 205 1.85 -17.93 7.53
CA ALA A 205 0.58 -17.80 6.82
C ALA A 205 0.91 -17.33 5.41
N LEU A 206 0.55 -18.13 4.42
CA LEU A 206 0.92 -17.88 3.04
C LEU A 206 -0.30 -17.96 2.15
N GLY A 207 -0.28 -17.19 1.07
CA GLY A 207 -1.29 -17.33 0.06
C GLY A 207 -2.67 -16.80 0.40
N PHE A 208 -2.78 -15.89 1.35
CA PHE A 208 -4.10 -15.44 1.79
C PHE A 208 -4.53 -14.12 1.14
N TYR A 209 -5.84 -13.96 1.09
CA TYR A 209 -6.47 -12.75 0.59
C TYR A 209 -7.84 -12.64 1.26
N PRO A 210 -8.24 -11.50 1.81
CA PRO A 210 -7.53 -10.22 1.79
C PRO A 210 -6.39 -10.19 2.83
N ALA A 211 -5.74 -9.05 2.94
CA ALA A 211 -4.53 -8.93 3.75
C ALA A 211 -4.76 -9.02 5.27
N GLU A 212 -5.91 -8.62 5.76
CA GLU A 212 -6.17 -8.63 7.19
C GLU A 212 -6.02 -10.04 7.76
N ILE A 213 -5.23 -10.17 8.83
CA ILE A 213 -4.98 -11.44 9.47
C ILE A 213 -4.45 -11.14 10.88
N THR A 214 -4.63 -12.10 11.77
C THR A 214 -3.24 -13.36 13.31
N LEU A 215 -1.99 -13.25 13.72
CA LEU A 215 -1.10 -14.36 14.02
C LEU A 215 -0.53 -14.09 15.38
N THR A 216 -0.67 -15.05 16.27
CA THR A 216 -0.18 -14.89 17.63
C THR A 216 0.44 -16.18 18.10
N TRP A 217 1.48 -16.07 18.94
CA TRP A 217 2.00 -17.21 19.70
C TRP A 217 1.53 -17.10 21.15
N GLN A 218 1.15 -18.26 21.68
CA GLN A 218 0.95 -18.41 23.12
C GLN A 218 1.92 -19.44 23.67
N ARG A 219 2.33 -19.21 24.93
CA ARG A 219 3.06 -20.19 25.73
C ARG A 219 2.19 -20.49 26.94
N ASP A 220 1.80 -21.75 27.06
CA ASP A 220 0.92 -22.18 28.16
C ASP A 220 -0.33 -21.30 28.18
N GLY A 221 -0.83 -20.97 26.98
CA GLY A 221 -2.08 -20.23 26.83
C GLY A 221 -2.00 -18.75 27.14
N GLU A 222 -0.79 -18.21 27.29
CA GLU A 222 -0.59 -16.79 27.52
C GLU A 222 0.07 -16.15 26.30
N ASP A 223 -0.55 -15.10 25.78
CA ASP A 223 0.01 -14.38 24.64
C ASP A 223 1.46 -13.96 24.90
N GLN A 224 2.34 -14.27 23.94
CA GLN A 224 3.75 -13.91 24.03
C GLN A 224 4.06 -12.63 23.26
N THR A 225 3.24 -11.61 23.47
CA THR A 225 3.31 -10.41 22.66
C THR A 225 4.73 -9.84 22.59
N GLN A 226 5.31 -9.63 23.77
CA GLN A 226 6.60 -8.97 23.89
C GLN A 226 7.76 -9.78 23.32
N ASP A 227 7.62 -11.10 23.32
CA ASP A 227 8.68 -12.00 22.87
C ASP A 227 8.45 -12.55 21.46
N THR A 228 7.41 -12.08 20.77
CA THR A 228 7.11 -12.56 19.41
C THR A 228 7.68 -11.54 18.43
N GLU A 229 8.43 -12.03 17.43
CA GLU A 229 8.77 -11.21 16.28
C GLU A 229 7.67 -11.41 15.24
N LEU A 230 6.97 -10.34 14.90
CA LEU A 230 5.83 -10.38 13.96
C LEU A 230 6.17 -9.49 12.79
N VAL A 231 6.34 -10.04 11.58
CA VAL A 231 6.68 -9.19 10.44
C VAL A 231 5.42 -8.57 9.87
N GLU A 232 5.59 -7.43 9.23
CA GLU A 232 4.50 -6.78 8.54
CA GLU A 232 4.50 -6.77 8.54
C GLU A 232 3.96 -7.70 7.45
N THR A 233 2.65 -7.69 7.27
CA THR A 233 2.03 -8.43 6.18
C THR A 233 2.59 -7.91 4.87
N ARG A 234 2.93 -8.81 3.96
CA ARG A 234 3.68 -8.45 2.78
C ARG A 234 3.05 -9.10 1.55
N PRO A 235 3.11 -8.41 0.40
CA PRO A 235 2.52 -8.95 -0.82
C PRO A 235 3.38 -10.04 -1.45
N ALA A 236 2.74 -11.13 -1.89
CA ALA A 236 3.46 -12.20 -2.59
C ALA A 236 3.75 -11.84 -4.05
N GLY A 237 2.94 -10.95 -4.62
CA GLY A 237 3.04 -10.54 -6.02
C GLY A 237 2.03 -11.22 -6.94
N ASP A 238 1.21 -12.13 -6.42
CA ASP A 238 0.16 -12.89 -7.17
C ASP A 238 -1.29 -12.73 -6.62
N ARG A 239 -1.51 -11.56 -6.06
CA ARG A 239 -2.74 -11.10 -5.38
C ARG A 239 -2.71 -11.34 -3.89
N THR A 240 -1.98 -12.36 -3.47
CA THR A 240 -2.05 -12.83 -2.11
C THR A 240 -0.97 -12.19 -1.21
N PHE A 241 -1.10 -12.47 0.07
CA PHE A 241 -0.25 -11.92 1.10
C PHE A 241 0.39 -13.02 1.92
N GLN A 242 1.42 -12.61 2.67
CA GLN A 242 2.18 -13.49 3.54
C GLN A 242 2.41 -12.81 4.88
N LYS A 243 2.58 -13.62 5.92
CA LYS A 243 2.99 -13.10 7.22
C LYS A 243 3.59 -14.25 8.01
N TRP A 244 4.49 -13.94 8.94
CA TRP A 244 4.93 -14.92 9.92
C TRP A 244 5.13 -14.28 11.28
N ALA A 245 5.11 -15.15 12.29
CA ALA A 245 5.34 -14.79 13.68
C ALA A 245 6.32 -15.80 14.25
N ALA A 246 7.29 -15.35 15.02
CA ALA A 246 8.33 -16.24 15.53
C ALA A 246 8.61 -16.01 17.01
N VAL A 247 8.94 -17.11 17.70
CA VAL A 247 9.34 -17.08 19.10
CA VAL A 247 9.32 -17.09 19.10
C VAL A 247 10.57 -17.96 19.30
N VAL A 248 11.41 -17.58 20.25
CA VAL A 248 12.58 -18.39 20.60
C VAL A 248 12.19 -19.33 21.76
N VAL A 249 12.43 -20.62 21.56
CA VAL A 249 11.94 -21.66 22.46
C VAL A 249 13.11 -22.48 22.99
N PRO A 250 13.20 -22.67 24.31
CA PRO A 250 14.26 -23.54 24.84
C PRO A 250 14.10 -24.96 24.36
N SER A 251 15.20 -25.67 24.17
CA SER A 251 15.15 -27.06 23.77
C SER A 251 14.21 -27.86 24.67
N GLY A 252 13.41 -28.69 24.02
CA GLY A 252 12.50 -29.56 24.72
C GLY A 252 11.18 -28.96 25.11
N GLU A 253 10.98 -27.65 24.91
CA GLU A 253 9.78 -26.94 25.36
CA GLU A 253 9.74 -27.03 25.36
C GLU A 253 8.76 -26.68 24.24
N GLU A 254 9.00 -27.22 23.06
CA GLU A 254 8.19 -26.83 21.90
C GLU A 254 6.70 -27.07 22.11
N GLN A 255 6.34 -28.10 22.86
CA GLN A 255 4.91 -28.40 23.00
C GLN A 255 4.16 -27.43 23.93
N ARG A 256 4.84 -26.51 24.60
CA ARG A 256 4.15 -25.45 25.37
C ARG A 256 3.59 -24.35 24.44
N TYR A 257 4.06 -24.31 23.19
CA TYR A 257 3.79 -23.22 22.28
C TYR A 257 2.74 -23.57 21.22
N THR A 258 1.79 -22.65 21.07
CA THR A 258 0.73 -22.78 20.08
CA THR A 258 0.71 -22.78 20.13
C THR A 258 0.64 -21.50 19.27
N CYS A 259 0.49 -21.65 17.96
CA CYS A 259 0.27 -20.53 17.04
CA CYS A 259 0.26 -20.49 17.12
C CYS A 259 -1.21 -20.43 16.71
N HIS A 260 -1.74 -19.22 16.75
CA HIS A 260 -3.16 -18.96 16.56
C HIS A 260 -3.35 -18.06 15.35
N VAL A 261 -4.23 -18.48 14.45
CA VAL A 261 -4.42 -17.76 13.18
C VAL A 261 -5.90 -17.39 13.01
N GLN A 262 -6.15 -16.10 12.78
CA GLN A 262 -7.51 -15.61 12.48
CA GLN A 262 -7.51 -15.64 12.46
C GLN A 262 -7.49 -14.97 11.09
N HIS A 263 -8.41 -15.39 10.23
CA HIS A 263 -8.53 -14.81 8.89
C HIS A 263 -9.96 -14.98 8.46
N GLU A 264 -10.50 -14.07 7.67
CA GLU A 264 -11.91 -14.15 7.30
C GLU A 264 -12.19 -15.36 6.43
N GLY A 265 -11.19 -15.89 5.74
CA GLY A 265 -11.25 -17.10 4.97
C GLY A 265 -11.39 -18.39 5.77
N LEU A 266 -11.11 -18.35 7.08
CA LEU A 266 -11.18 -19.50 7.97
C LEU A 266 -12.52 -19.54 8.71
N PRO A 267 -13.22 -20.69 8.69
CA PRO A 267 -14.49 -20.81 9.44
C PRO A 267 -14.33 -20.59 10.93
N LYS A 268 -13.22 -21.08 11.47
CA LYS A 268 -12.90 -20.97 12.89
C LYS A 268 -11.42 -20.66 12.99
N PRO A 269 -11.02 -19.90 14.02
CA PRO A 269 -9.58 -19.67 14.25
C PRO A 269 -8.78 -20.97 14.33
N LEU A 270 -7.57 -20.98 13.76
CA LEU A 270 -6.73 -22.17 13.74
C LEU A 270 -5.75 -22.14 14.92
N THR A 271 -5.45 -23.32 15.46
CA THR A 271 -4.41 -23.48 16.45
C THR A 271 -3.41 -24.48 15.87
N LEU A 272 -2.13 -24.12 15.90
CA LEU A 272 -1.11 -24.97 15.30
CA LEU A 272 -1.06 -24.91 15.27
C LEU A 272 0.08 -25.16 16.24
N ARG A 273 0.78 -26.26 16.05
CA ARG A 273 1.97 -26.60 16.84
C ARG A 273 3.04 -27.12 15.92
N TRP A 274 4.29 -27.07 16.39
CA TRP A 274 5.41 -27.70 15.70
CA TRP A 274 5.38 -27.69 15.64
C TRP A 274 5.21 -29.21 15.64
N GLU A 275 5.32 -29.79 14.45
CA GLU A 275 5.15 -31.24 14.23
C GLU A 275 6.43 -31.80 13.62
N PRO A 276 7.35 -32.32 14.46
CA PRO A 276 8.60 -32.87 13.94
C PRO A 276 8.38 -33.94 12.88
N MET B 1 11.74 18.88 7.98
CA MET B 1 10.65 17.93 7.61
C MET B 1 10.88 16.58 8.26
N ILE B 2 9.81 15.97 8.76
CA ILE B 2 9.89 14.65 9.38
C ILE B 2 10.03 13.61 8.27
N GLN B 3 10.98 12.70 8.47
CA GLN B 3 11.28 11.65 7.51
C GLN B 3 11.06 10.33 8.23
N ARG B 4 10.77 9.28 7.47
CA ARG B 4 10.59 7.94 8.03
C ARG B 4 11.40 6.97 7.19
N THR B 5 12.26 6.19 7.86
CA THR B 5 13.13 5.27 7.17
C THR B 5 12.36 4.01 6.75
N PRO B 6 12.69 3.42 5.60
CA PRO B 6 11.93 2.25 5.17
C PRO B 6 12.13 0.98 6.01
N LYS B 7 11.05 0.25 6.20
CA LYS B 7 11.13 -1.15 6.56
CA LYS B 7 11.11 -1.15 6.56
C LYS B 7 11.45 -1.90 5.27
N ILE B 8 12.19 -3.00 5.40
CA ILE B 8 12.63 -3.78 4.26
C ILE B 8 12.46 -5.26 4.54
N GLN B 9 11.79 -5.96 3.64
CA GLN B 9 11.75 -7.42 3.68
C GLN B 9 12.12 -7.95 2.30
N VAL B 10 12.97 -8.98 2.27
CA VAL B 10 13.32 -9.65 1.02
CA VAL B 10 13.40 -9.68 1.08
C VAL B 10 12.95 -11.14 1.21
N TYR B 11 12.25 -11.67 0.22
CA TYR B 11 11.57 -12.95 0.39
C TYR B 11 11.12 -13.46 -0.95
N SER B 12 10.71 -14.72 -1.02
CA SER B 12 10.23 -15.30 -2.26
C SER B 12 8.72 -15.42 -2.28
N ARG B 13 8.18 -15.45 -3.49
CA ARG B 13 6.75 -15.60 -3.66
C ARG B 13 6.25 -16.96 -3.15
N HIS B 14 7.01 -18.01 -3.46
CA HIS B 14 6.73 -19.40 -3.08
C HIS B 14 7.85 -19.90 -2.19
N PRO B 15 7.58 -20.91 -1.31
CA PRO B 15 8.69 -21.50 -0.57
C PRO B 15 9.79 -21.97 -1.52
N ALA B 16 11.03 -21.67 -1.18
CA ALA B 16 12.15 -21.94 -2.08
C ALA B 16 12.39 -23.44 -2.24
N GLU B 17 12.58 -23.84 -3.49
CA GLU B 17 12.99 -25.21 -3.84
CA GLU B 17 13.00 -25.19 -3.83
C GLU B 17 14.11 -25.06 -4.85
N ASN B 18 15.29 -25.57 -4.51
CA ASN B 18 16.43 -25.40 -5.39
C ASN B 18 16.14 -25.92 -6.78
N GLY B 19 16.48 -25.12 -7.79
CA GLY B 19 16.26 -25.47 -9.18
C GLY B 19 14.89 -25.18 -9.73
N LYS B 20 13.97 -24.65 -8.91
CA LYS B 20 12.63 -24.34 -9.38
C LYS B 20 12.44 -22.82 -9.44
N SER B 21 11.99 -22.37 -10.60
CA SER B 21 11.71 -20.94 -10.81
C SER B 21 10.71 -20.39 -9.80
N ASN B 22 10.91 -19.14 -9.41
CA ASN B 22 10.21 -18.49 -8.32
C ASN B 22 10.29 -16.97 -8.59
N PHE B 23 9.85 -16.16 -7.63
CA PHE B 23 10.01 -14.71 -7.70
C PHE B 23 10.68 -14.26 -6.43
N LEU B 24 11.66 -13.37 -6.59
CA LEU B 24 12.36 -12.70 -5.50
C LEU B 24 11.76 -11.32 -5.36
N ASN B 25 11.30 -11.02 -4.15
CA ASN B 25 10.61 -9.79 -3.78
C ASN B 25 11.43 -8.99 -2.80
N CYS B 26 11.43 -7.67 -2.96
CA CYS B 26 11.88 -6.74 -1.92
C CYS B 26 10.77 -5.74 -1.70
N TYR B 27 10.18 -5.79 -0.51
CA TYR B 27 9.07 -4.93 -0.13
C TYR B 27 9.64 -3.87 0.80
N VAL B 28 9.49 -2.63 0.38
CA VAL B 28 9.91 -1.47 1.16
C VAL B 28 8.64 -0.70 1.55
N SER B 29 8.53 -0.33 2.83
CA SER B 29 7.32 0.25 3.33
C SER B 29 7.56 1.19 4.49
N GLY B 30 6.56 1.99 4.81
CA GLY B 30 6.63 2.85 5.97
C GLY B 30 7.55 4.04 5.82
N PHE B 31 7.86 4.47 4.59
CA PHE B 31 8.88 5.50 4.38
C PHE B 31 8.30 6.82 3.90
N HIS B 32 9.08 7.87 4.16
CA HIS B 32 8.80 9.23 3.70
CA HIS B 32 8.76 9.22 3.67
C HIS B 32 10.12 9.98 3.72
N PRO B 33 10.46 10.76 2.68
CA PRO B 33 9.73 10.98 1.45
C PRO B 33 9.78 9.75 0.53
N SER B 34 9.14 9.88 -0.63
CA SER B 34 8.90 8.73 -1.49
C SER B 34 10.10 8.33 -2.35
N ASP B 35 11.06 9.21 -2.54
CA ASP B 35 12.14 8.85 -3.43
CA ASP B 35 12.27 8.97 -3.32
C ASP B 35 12.99 7.78 -2.71
N ILE B 36 13.24 6.71 -3.48
CA ILE B 36 13.92 5.54 -2.95
C ILE B 36 14.54 4.80 -4.12
N GLU B 37 15.68 4.16 -3.87
CA GLU B 37 16.26 3.31 -4.91
CA GLU B 37 16.43 3.39 -4.85
C GLU B 37 16.52 1.95 -4.35
N VAL B 38 16.10 0.97 -5.13
CA VAL B 38 16.18 -0.43 -4.72
C VAL B 38 16.82 -1.24 -5.83
N ASP B 39 17.85 -2.01 -5.46
CA ASP B 39 18.46 -3.02 -6.33
C ASP B 39 18.21 -4.40 -5.76
N LEU B 40 18.01 -5.36 -6.64
CA LEU B 40 18.07 -6.77 -6.26
C LEU B 40 19.41 -7.29 -6.79
N LEU B 41 20.08 -8.09 -5.97
CA LEU B 41 21.45 -8.53 -6.23
C LEU B 41 21.53 -10.06 -6.26
N LYS B 42 22.33 -10.56 -7.20
CA LYS B 42 22.67 -11.99 -7.30
C LYS B 42 24.18 -12.07 -7.17
N ASN B 43 24.66 -12.70 -6.10
CA ASN B 43 26.10 -12.80 -5.84
C ASN B 43 26.75 -11.45 -5.93
N GLY B 44 26.08 -10.44 -5.35
CA GLY B 44 26.62 -9.10 -5.23
C GLY B 44 26.43 -8.18 -6.43
N GLU B 45 25.92 -8.73 -7.53
CA GLU B 45 25.77 -7.99 -8.78
C GLU B 45 24.30 -7.63 -9.02
N ARG B 46 24.06 -6.44 -9.53
CA ARG B 46 22.70 -6.00 -9.77
C ARG B 46 22.00 -6.85 -10.82
N ILE B 47 20.81 -7.32 -10.49
CA ILE B 47 19.96 -8.02 -11.43
C ILE B 47 19.31 -7.00 -12.37
N GLU B 48 19.34 -7.26 -13.67
CA GLU B 48 18.75 -6.35 -14.66
C GLU B 48 17.25 -6.56 -14.81
N LYS B 49 16.58 -5.51 -15.25
CA LYS B 49 15.16 -5.59 -15.65
CA LYS B 49 15.16 -5.48 -15.61
C LYS B 49 14.21 -5.87 -14.47
N VAL B 50 14.61 -5.55 -13.25
CA VAL B 50 13.74 -5.72 -12.07
C VAL B 50 12.55 -4.79 -12.24
N GLU B 51 11.36 -5.30 -11.94
CA GLU B 51 10.17 -4.47 -12.04
CA GLU B 51 10.09 -4.58 -12.04
C GLU B 51 9.69 -4.05 -10.66
N HIS B 52 8.81 -3.06 -10.65
CA HIS B 52 8.26 -2.61 -9.38
C HIS B 52 6.83 -2.14 -9.53
N SER B 53 6.14 -2.12 -8.40
CA SER B 53 4.79 -1.62 -8.31
C SER B 53 4.75 -0.10 -8.46
N ASP B 54 3.55 0.42 -8.66
CA ASP B 54 3.36 1.87 -8.71
C ASP B 54 3.21 2.40 -7.30
N LEU B 55 3.83 3.54 -7.05
CA LEU B 55 3.82 4.17 -5.74
C LEU B 55 2.40 4.28 -5.15
N SER B 56 2.25 3.78 -3.93
CA SER B 56 1.03 3.88 -3.17
C SER B 56 1.39 4.13 -1.73
N PHE B 57 0.39 4.31 -0.89
CA PHE B 57 0.63 4.67 0.49
C PHE B 57 -0.44 4.09 1.40
N SER B 58 -0.07 4.02 2.66
CA SER B 58 -0.88 3.47 3.72
C SER B 58 -1.72 4.57 4.38
N LYS B 59 -2.56 4.17 5.33
CA LYS B 59 -3.48 5.06 6.02
CA LYS B 59 -3.48 5.10 5.95
C LYS B 59 -2.76 6.24 6.64
N ASP B 60 -1.58 5.96 7.17
CA ASP B 60 -0.77 6.97 7.83
C ASP B 60 0.08 7.85 6.87
N TRP B 61 -0.16 7.70 5.57
CA TRP B 61 0.48 8.45 4.50
C TRP B 61 1.85 7.90 4.08
N SER B 62 2.41 6.97 4.83
CA SER B 62 3.71 6.43 4.47
C SER B 62 3.63 5.56 3.23
N PHE B 63 4.70 5.54 2.47
CA PHE B 63 4.75 4.91 1.15
C PHE B 63 5.16 3.43 1.22
N TYR B 64 4.76 2.69 0.20
CA TYR B 64 5.24 1.33 0.00
C TYR B 64 5.40 1.01 -1.47
N LEU B 65 6.37 0.13 -1.74
CA LEU B 65 6.68 -0.37 -3.08
C LEU B 65 7.13 -1.82 -2.97
N LEU B 66 6.81 -2.58 -4.01
CA LEU B 66 7.33 -3.93 -4.21
C LEU B 66 8.21 -3.95 -5.45
N TYR B 67 9.44 -4.41 -5.27
CA TYR B 67 10.36 -4.70 -6.36
C TYR B 67 10.46 -6.22 -6.51
N TYR B 68 10.51 -6.71 -7.73
CA TYR B 68 10.44 -8.15 -7.94
C TYR B 68 11.07 -8.57 -9.26
N THR B 69 11.53 -9.82 -9.26
CA THR B 69 12.12 -10.43 -10.45
C THR B 69 11.99 -11.93 -10.35
N GLU B 70 11.88 -12.59 -11.49
CA GLU B 70 11.96 -14.05 -11.52
CA GLU B 70 11.98 -14.05 -11.53
C GLU B 70 13.37 -14.46 -11.07
N PHE B 71 13.47 -15.55 -10.34
CA PHE B 71 14.77 -16.13 -9.96
C PHE B 71 14.60 -17.63 -9.74
N THR B 72 15.72 -18.34 -9.85
CA THR B 72 15.73 -19.77 -9.60
C THR B 72 16.75 -19.99 -8.51
N PRO B 73 16.27 -20.17 -7.26
CA PRO B 73 17.20 -20.36 -6.16
C PRO B 73 18.00 -21.64 -6.31
N THR B 74 19.21 -21.59 -5.79
CA THR B 74 20.09 -22.76 -5.73
C THR B 74 20.70 -22.84 -4.35
N GLU B 75 21.46 -23.91 -4.10
CA GLU B 75 22.12 -24.04 -2.81
C GLU B 75 23.12 -22.91 -2.55
N LYS B 76 23.87 -22.50 -3.58
CA LYS B 76 25.02 -21.63 -3.36
C LYS B 76 24.84 -20.17 -3.78
N ASP B 77 23.87 -19.88 -4.65
CA ASP B 77 23.69 -18.49 -5.09
C ASP B 77 23.12 -17.64 -3.96
N GLU B 78 23.70 -16.46 -3.79
CA GLU B 78 23.30 -15.53 -2.74
C GLU B 78 22.50 -14.36 -3.32
N TYR B 79 21.35 -14.06 -2.73
CA TYR B 79 20.53 -12.97 -3.21
C TYR B 79 20.37 -11.96 -2.09
N ALA B 80 20.13 -10.72 -2.48
CA ALA B 80 20.01 -9.64 -1.53
C ALA B 80 19.25 -8.48 -2.16
N CYS B 81 18.87 -7.51 -1.33
CA CYS B 81 18.37 -6.26 -1.85
CA CYS B 81 18.21 -6.26 -1.73
C CYS B 81 19.10 -5.13 -1.19
N ARG B 82 19.36 -4.09 -1.99
CA ARG B 82 20.07 -2.89 -1.53
C ARG B 82 19.12 -1.71 -1.65
N VAL B 83 18.95 -0.99 -0.56
CA VAL B 83 18.00 0.09 -0.48
C VAL B 83 18.70 1.39 -0.10
N ASN B 84 18.46 2.43 -0.89
CA ASN B 84 18.94 3.77 -0.53
C ASN B 84 17.77 4.72 -0.38
N HIS B 85 17.88 5.57 0.64
CA HIS B 85 16.86 6.53 1.01
C HIS B 85 17.54 7.66 1.77
N VAL B 86 16.95 8.83 1.75
CA VAL B 86 17.58 9.99 2.40
C VAL B 86 17.85 9.78 3.89
N THR B 87 17.08 8.92 4.53
CA THR B 87 17.26 8.61 5.94
C THR B 87 18.45 7.71 6.24
N LEU B 88 19.08 7.16 5.20
CA LEU B 88 20.20 6.25 5.35
C LEU B 88 21.51 6.92 4.95
N SER B 89 22.51 6.86 5.83
CA SER B 89 23.83 7.43 5.55
C SER B 89 24.54 6.56 4.54
N GLN B 90 24.21 5.27 4.64
CA GLN B 90 24.80 4.21 3.87
C GLN B 90 23.63 3.39 3.33
N PRO B 91 23.65 3.04 2.05
CA PRO B 91 22.59 2.10 1.63
C PRO B 91 22.57 0.80 2.44
N LYS B 92 21.37 0.28 2.69
CA LYS B 92 21.19 -0.91 3.51
CA LYS B 92 21.18 -0.90 3.52
C LYS B 92 21.07 -2.12 2.61
N ILE B 93 21.86 -3.16 2.93
CA ILE B 93 21.78 -4.41 2.22
C ILE B 93 21.14 -5.43 3.15
N VAL B 94 20.07 -6.06 2.69
CA VAL B 94 19.37 -7.13 3.40
C VAL B 94 19.48 -8.39 2.57
N LYS B 95 20.10 -9.42 3.14
CA LYS B 95 20.29 -10.69 2.44
C LYS B 95 19.00 -11.49 2.45
N TRP B 96 18.74 -12.20 1.35
CA TRP B 96 17.65 -13.15 1.29
C TRP B 96 17.98 -14.40 2.11
N ASP B 97 17.05 -14.78 2.98
CA ASP B 97 17.11 -15.99 3.77
C ASP B 97 15.83 -16.74 3.44
N ARG B 98 15.94 -17.93 2.86
CA ARG B 98 14.77 -18.68 2.44
C ARG B 98 13.85 -19.09 3.59
N ASP B 99 14.33 -18.99 4.82
CA ASP B 99 13.54 -19.32 6.00
C ASP B 99 12.86 -18.10 6.63
N MET B 100 12.90 -16.95 5.94
CA MET B 100 12.24 -15.73 6.40
CA MET B 100 12.22 -15.74 6.39
C MET B 100 11.43 -15.07 5.28
N ARG C 1 -15.43 4.49 -10.50
CA ARG C 1 -14.87 5.56 -11.36
C ARG C 1 -14.57 6.80 -10.53
N ARG C 2 -13.65 7.62 -11.05
CA ARG C 2 -13.18 8.82 -10.39
C ARG C 2 -14.18 9.97 -10.49
N ARG C 3 -13.90 11.01 -9.71
CA ARG C 3 -14.52 12.32 -9.94
C ARG C 3 -13.49 13.35 -10.29
N TRP C 4 -13.98 14.43 -10.89
CA TRP C 4 -13.22 15.62 -11.18
CA TRP C 4 -13.11 15.59 -11.16
C TRP C 4 -13.00 16.41 -9.88
N HIS C 5 -12.06 17.34 -9.86
CA HIS C 5 -11.88 18.19 -8.67
C HIS C 5 -11.41 19.58 -9.14
N ARG C 6 -12.34 20.52 -9.18
N ARG C 6 -12.32 20.53 -9.32
CA ARG C 6 -12.11 21.85 -9.74
CA ARG C 6 -11.89 21.82 -9.89
C ARG C 6 -11.54 22.84 -8.73
C ARG C 6 -11.24 22.69 -8.85
N TRP C 7 -11.46 22.47 -7.45
N TRP C 7 -11.52 22.38 -7.60
CA TRP C 7 -11.19 23.44 -6.37
CA TRP C 7 -11.14 23.25 -6.51
C TRP C 7 -9.76 23.36 -5.86
C TRP C 7 -9.62 23.25 -6.36
N ARG C 8 -9.01 24.41 -6.10
N ARG C 8 -9.13 24.35 -5.82
CA ARG C 8 -7.62 24.49 -5.69
CA ARG C 8 -7.71 24.55 -5.61
C ARG C 8 -7.47 24.69 -4.18
C ARG C 8 -7.47 24.71 -4.13
N LEU C 9 -6.34 24.23 -3.65
CA LEU C 9 -5.98 24.47 -2.25
C LEU C 9 -5.79 25.96 -1.98
#